data_2O3K
#
_entry.id   2O3K
#
_cell.length_a   55.916
_cell.length_b   69.090
_cell.length_c   74.174
_cell.angle_alpha   90.00
_cell.angle_beta   90.00
_cell.angle_gamma   90.00
#
_symmetry.space_group_name_H-M   'P 21 21 21'
#
loop_
_entity.id
_entity.type
_entity.pdbx_description
1 polymer 'Cytosine deaminase'
2 non-polymer 'ZINC ION'
3 non-polymer 4-HYDROXY-3,4-DIHYDRO-1H-PYRIMIDIN-2-ONE
4 non-polymer 'CALCIUM ION'
5 water water
#
_entity_poly.entity_id   1
_entity_poly.type   'polypeptide(L)'
_entity_poly.pdbx_seq_one_letter_code
;GSSMVTGGMASKWDQKGMDIAYEEALLGYKEGGVPIGGCLINNKDGSVLGRGHNMRFQKGSATLHGEISTLENCGRLEGK
VYKDTTLYTTLSPCEMCTGAIIMYGIPRCVIGENVNFKSKGEKYLQTRGHEVVVVDDERCKKLMKQFIDERPQDWFEDIG
E
;
_entity_poly.pdbx_strand_id   A,B
#
# COMPACT_ATOMS: atom_id res chain seq x y z
N GLY A 8 -12.57 -19.15 -6.21
CA GLY A 8 -12.18 -19.94 -5.02
C GLY A 8 -13.39 -20.41 -4.25
N MET A 9 -13.24 -21.48 -3.49
CA MET A 9 -14.34 -22.02 -2.70
C MET A 9 -14.58 -21.17 -1.45
N ALA A 10 -15.79 -21.28 -0.90
CA ALA A 10 -16.15 -20.55 0.30
C ALA A 10 -15.56 -21.21 1.53
N SER A 11 -15.47 -20.45 2.62
CA SER A 11 -14.93 -20.93 3.88
C SER A 11 -15.93 -20.62 5.00
N LYS A 12 -15.93 -21.45 6.04
CA LYS A 12 -16.84 -21.29 7.17
C LYS A 12 -16.78 -19.96 7.91
N TRP A 13 -15.76 -19.16 7.64
CA TRP A 13 -15.62 -17.86 8.31
C TRP A 13 -16.00 -16.69 7.42
N ASP A 14 -16.32 -16.97 6.16
CA ASP A 14 -16.68 -15.92 5.21
C ASP A 14 -17.81 -15.01 5.67
N GLN A 15 -18.90 -15.60 6.15
CA GLN A 15 -20.03 -14.81 6.61
C GLN A 15 -19.61 -13.89 7.75
N LYS A 16 -18.82 -14.43 8.67
CA LYS A 16 -18.35 -13.66 9.80
C LYS A 16 -17.42 -12.53 9.33
N GLY A 17 -16.50 -12.86 8.45
CA GLY A 17 -15.56 -11.87 7.95
C GLY A 17 -16.20 -10.71 7.22
N MET A 18 -17.15 -11.00 6.33
CA MET A 18 -17.81 -9.96 5.57
C MET A 18 -18.73 -9.09 6.42
N ASP A 19 -19.29 -9.66 7.50
CA ASP A 19 -20.16 -8.88 8.37
C ASP A 19 -19.30 -7.85 9.11
N ILE A 20 -18.16 -8.29 9.62
CA ILE A 20 -17.24 -7.39 10.31
C ILE A 20 -16.85 -6.25 9.37
N ALA A 21 -16.52 -6.61 8.12
CA ALA A 21 -16.11 -5.63 7.12
C ALA A 21 -17.21 -4.60 6.85
N TYR A 22 -18.44 -5.07 6.68
CA TYR A 22 -19.57 -4.18 6.41
C TYR A 22 -19.79 -3.23 7.58
N GLU A 23 -19.66 -3.74 8.80
CA GLU A 23 -19.83 -2.92 10.00
C GLU A 23 -18.74 -1.85 10.03
N GLU A 24 -17.54 -2.21 9.61
CA GLU A 24 -16.45 -1.25 9.57
C GLU A 24 -16.79 -0.20 8.52
N ALA A 25 -17.31 -0.64 7.38
CA ALA A 25 -17.68 0.31 6.33
C ALA A 25 -18.81 1.24 6.79
N LEU A 26 -19.69 0.73 7.65
CA LEU A 26 -20.79 1.53 8.17
C LEU A 26 -20.24 2.53 9.15
N LEU A 27 -19.26 2.08 9.94
CA LEU A 27 -18.61 2.94 10.92
C LEU A 27 -18.01 4.14 10.21
N GLY A 28 -17.14 3.86 9.23
CA GLY A 28 -16.50 4.91 8.48
C GLY A 28 -17.49 5.83 7.80
N TYR A 29 -18.63 5.27 7.40
CA TYR A 29 -19.65 6.06 6.75
C TYR A 29 -20.19 7.10 7.73
N LYS A 30 -20.50 6.65 8.93
CA LYS A 30 -21.02 7.54 9.97
C LYS A 30 -20.01 8.65 10.26
N GLU A 31 -18.73 8.29 10.30
CA GLU A 31 -17.66 9.24 10.59
C GLU A 31 -17.45 10.26 9.49
N GLY A 32 -18.18 10.12 8.39
CA GLY A 32 -18.05 11.05 7.28
C GLY A 32 -17.07 10.65 6.18
N GLY A 33 -16.50 9.46 6.26
CA GLY A 33 -15.54 9.03 5.25
C GLY A 33 -16.02 8.06 4.19
N VAL A 34 -15.08 7.49 3.44
CA VAL A 34 -15.39 6.53 2.38
C VAL A 34 -15.81 5.21 3.01
N PRO A 35 -17.04 4.76 2.73
CA PRO A 35 -17.62 3.52 3.25
C PRO A 35 -17.02 2.23 2.72
N ILE A 36 -15.81 1.92 3.17
CA ILE A 36 -15.14 0.69 2.77
C ILE A 36 -14.42 0.11 3.99
N GLY A 37 -14.81 -1.08 4.40
CA GLY A 37 -14.20 -1.69 5.57
C GLY A 37 -13.60 -3.04 5.28
N GLY A 38 -12.91 -3.59 6.27
CA GLY A 38 -12.30 -4.89 6.10
C GLY A 38 -11.77 -5.45 7.41
N CYS A 39 -11.31 -6.70 7.37
CA CYS A 39 -10.75 -7.34 8.55
C CYS A 39 -9.88 -8.51 8.13
N LEU A 40 -8.90 -8.84 8.97
CA LEU A 40 -8.00 -9.96 8.71
C LEU A 40 -8.35 -11.03 9.73
N ILE A 41 -8.50 -12.27 9.25
CA ILE A 41 -8.86 -13.39 10.12
C ILE A 41 -8.02 -14.65 9.88
N ASN A 42 -7.73 -15.37 10.96
CA ASN A 42 -6.97 -16.62 10.86
C ASN A 42 -7.91 -17.67 10.28
N ASN A 43 -7.46 -18.35 9.23
CA ASN A 43 -8.29 -19.38 8.58
C ASN A 43 -8.63 -20.59 9.44
N LYS A 44 -7.88 -20.78 10.52
CA LYS A 44 -8.10 -21.92 11.41
C LYS A 44 -9.14 -21.72 12.51
N ASP A 45 -8.85 -20.82 13.46
CA ASP A 45 -9.77 -20.58 14.55
C ASP A 45 -10.77 -19.45 14.31
N GLY A 46 -10.64 -18.73 13.20
CA GLY A 46 -11.55 -17.65 12.90
C GLY A 46 -11.33 -16.43 13.77
N SER A 47 -10.16 -16.35 14.38
CA SER A 47 -9.84 -15.20 15.23
C SER A 47 -9.71 -13.96 14.35
N VAL A 48 -9.96 -12.80 14.95
CA VAL A 48 -9.85 -11.54 14.22
C VAL A 48 -8.54 -10.86 14.62
N LEU A 49 -7.61 -10.78 13.69
CA LEU A 49 -6.32 -10.16 13.95
C LEU A 49 -6.47 -8.64 13.96
N GLY A 50 -7.46 -8.15 13.22
CA GLY A 50 -7.68 -6.72 13.18
C GLY A 50 -8.78 -6.36 12.21
N ARG A 51 -9.27 -5.13 12.32
CA ARG A 51 -10.34 -4.64 11.46
C ARG A 51 -10.20 -3.14 11.29
N GLY A 52 -10.74 -2.60 10.21
CA GLY A 52 -10.63 -1.17 9.98
C GLY A 52 -11.38 -0.71 8.76
N HIS A 53 -11.39 0.61 8.54
CA HIS A 53 -12.06 1.20 7.39
C HIS A 53 -11.26 2.37 6.83
N ASN A 54 -11.64 2.83 5.65
CA ASN A 54 -10.95 3.94 5.00
C ASN A 54 -10.85 5.14 5.93
N MET A 55 -9.63 5.68 6.08
CA MET A 55 -9.40 6.81 6.97
C MET A 55 -8.97 8.09 6.23
N ARG A 56 -9.15 8.12 4.92
CA ARG A 56 -8.74 9.30 4.15
C ARG A 56 -9.25 10.59 4.78
N PHE A 57 -10.56 10.69 4.98
CA PHE A 57 -11.14 11.90 5.56
C PHE A 57 -10.92 12.03 7.06
N GLN A 58 -10.97 10.92 7.78
CA GLN A 58 -10.78 10.96 9.23
C GLN A 58 -9.36 11.36 9.63
N LYS A 59 -8.40 11.18 8.72
CA LYS A 59 -7.03 11.50 9.06
C LYS A 59 -6.25 12.21 7.97
N GLY A 60 -6.95 12.69 6.93
CA GLY A 60 -6.27 13.34 5.83
C GLY A 60 -5.22 12.37 5.34
N SER A 61 -5.64 11.12 5.15
CA SER A 61 -4.73 10.06 4.73
C SER A 61 -4.84 9.68 3.27
N ALA A 62 -3.71 9.68 2.57
CA ALA A 62 -3.68 9.32 1.16
C ALA A 62 -3.37 7.84 0.97
N THR A 63 -3.06 7.14 2.06
CA THR A 63 -2.73 5.72 1.97
C THR A 63 -3.60 4.78 2.81
N LEU A 64 -4.34 5.31 3.76
CA LEU A 64 -5.17 4.45 4.61
C LEU A 64 -6.50 3.98 4.02
N HIS A 65 -6.43 3.23 2.93
CA HIS A 65 -7.63 2.68 2.32
C HIS A 65 -8.14 1.65 3.34
N GLY A 66 -9.34 1.13 3.13
CA GLY A 66 -9.89 0.15 4.04
C GLY A 66 -8.97 -1.03 4.32
N GLU A 67 -8.38 -1.58 3.26
CA GLU A 67 -7.49 -2.74 3.40
C GLU A 67 -6.17 -2.39 4.11
N ILE A 68 -5.62 -1.22 3.81
CA ILE A 68 -4.38 -0.77 4.44
C ILE A 68 -4.63 -0.48 5.92
N SER A 69 -5.73 0.20 6.20
CA SER A 69 -6.09 0.52 7.58
C SER A 69 -6.23 -0.76 8.41
N THR A 70 -6.84 -1.79 7.81
CA THR A 70 -7.04 -3.07 8.48
C THR A 70 -5.71 -3.71 8.87
N LEU A 71 -4.78 -3.77 7.92
CA LEU A 71 -3.46 -4.35 8.17
C LEU A 71 -2.74 -3.56 9.26
N GLU A 72 -2.87 -2.23 9.18
CA GLU A 72 -2.25 -1.36 10.16
C GLU A 72 -2.80 -1.65 11.55
N ASN A 73 -4.12 -1.83 11.64
CA ASN A 73 -4.76 -2.10 12.92
C ASN A 73 -4.38 -3.47 13.51
N CYS A 74 -3.78 -4.34 12.71
CA CYS A 74 -3.36 -5.65 13.19
C CYS A 74 -2.02 -5.52 13.93
N GLY A 75 -1.31 -4.44 13.66
CA GLY A 75 -0.02 -4.20 14.30
C GLY A 75 1.13 -4.97 13.66
N ARG A 76 2.33 -4.78 14.18
CA ARG A 76 3.51 -5.47 13.66
C ARG A 76 3.38 -6.95 13.97
N LEU A 77 3.60 -7.79 12.96
CA LEU A 77 3.49 -9.24 13.15
C LEU A 77 4.62 -9.99 12.46
N GLU A 78 4.89 -11.20 12.91
CA GLU A 78 5.90 -12.06 12.31
C GLU A 78 5.34 -12.47 10.96
N GLY A 79 6.18 -12.47 9.93
CA GLY A 79 5.75 -12.84 8.61
C GLY A 79 4.82 -14.04 8.51
N LYS A 80 5.22 -15.15 9.13
CA LYS A 80 4.42 -16.39 9.09
C LYS A 80 2.96 -16.19 9.48
N VAL A 81 2.69 -15.28 10.42
CA VAL A 81 1.32 -15.03 10.88
C VAL A 81 0.34 -14.74 9.76
N TYR A 82 0.78 -14.02 8.74
CA TYR A 82 -0.05 -13.65 7.59
C TYR A 82 -0.37 -14.85 6.67
N LYS A 83 0.56 -15.78 6.59
CA LYS A 83 0.45 -16.94 5.70
C LYS A 83 -0.81 -17.82 5.75
N ASP A 84 -1.58 -17.77 6.83
CA ASP A 84 -2.78 -18.59 6.90
C ASP A 84 -3.99 -17.77 7.33
N THR A 85 -4.18 -16.64 6.65
CA THR A 85 -5.28 -15.76 6.96
C THR A 85 -6.05 -15.43 5.68
N THR A 86 -7.17 -14.74 5.86
CA THR A 86 -8.01 -14.29 4.75
C THR A 86 -8.32 -12.82 5.00
N LEU A 87 -8.08 -11.98 3.99
CA LEU A 87 -8.40 -10.57 4.12
C LEU A 87 -9.80 -10.36 3.58
N TYR A 88 -10.67 -9.79 4.41
CA TYR A 88 -12.04 -9.52 3.99
C TYR A 88 -12.15 -8.04 3.67
N THR A 89 -12.66 -7.73 2.48
CA THR A 89 -12.84 -6.34 2.07
C THR A 89 -14.19 -6.19 1.38
N THR A 90 -14.90 -5.12 1.73
CA THR A 90 -16.22 -4.85 1.16
C THR A 90 -16.19 -4.42 -0.31
N LEU A 91 -15.02 -4.04 -0.80
CA LEU A 91 -14.89 -3.60 -2.19
C LEU A 91 -13.64 -4.19 -2.84
N SER A 92 -13.73 -4.50 -4.13
CA SER A 92 -12.62 -5.08 -4.88
C SER A 92 -11.41 -4.19 -4.68
N PRO A 93 -10.29 -4.76 -4.20
CA PRO A 93 -9.04 -4.05 -3.93
C PRO A 93 -8.39 -3.32 -5.10
N CYS A 94 -7.81 -2.16 -4.83
CA CYS A 94 -7.12 -1.35 -5.83
C CYS A 94 -5.71 -1.95 -5.95
N GLU A 95 -4.90 -1.45 -6.88
CA GLU A 95 -3.56 -2.02 -7.04
C GLU A 95 -2.70 -1.88 -5.80
N MET A 96 -2.91 -0.82 -5.03
CA MET A 96 -2.13 -0.63 -3.82
C MET A 96 -2.49 -1.70 -2.80
N CYS A 97 -3.78 -1.85 -2.53
CA CYS A 97 -4.21 -2.85 -1.57
C CYS A 97 -3.91 -4.27 -2.05
N THR A 98 -3.93 -4.47 -3.36
CA THR A 98 -3.61 -5.76 -3.93
C THR A 98 -2.15 -6.06 -3.61
N GLY A 99 -1.30 -5.06 -3.80
CA GLY A 99 0.12 -5.21 -3.55
C GLY A 99 0.43 -5.58 -2.11
N ALA A 100 -0.33 -5.02 -1.17
CA ALA A 100 -0.13 -5.29 0.25
C ALA A 100 -0.41 -6.76 0.53
N ILE A 101 -1.51 -7.26 -0.03
CA ILE A 101 -1.89 -8.65 0.14
C ILE A 101 -0.80 -9.59 -0.40
N ILE A 102 -0.26 -9.24 -1.58
CA ILE A 102 0.78 -10.04 -2.22
C ILE A 102 2.10 -10.00 -1.47
N MET A 103 2.45 -8.83 -0.93
CA MET A 103 3.70 -8.65 -0.20
C MET A 103 3.73 -9.47 1.09
N TYR A 104 2.64 -9.43 1.85
CA TYR A 104 2.58 -10.17 3.10
C TYR A 104 2.26 -11.65 2.92
N GLY A 105 1.87 -12.05 1.72
CA GLY A 105 1.58 -13.45 1.49
C GLY A 105 0.21 -13.91 1.95
N ILE A 106 -0.71 -12.96 2.14
CA ILE A 106 -2.08 -13.30 2.54
C ILE A 106 -2.65 -14.05 1.35
N PRO A 107 -2.78 -15.39 1.46
CA PRO A 107 -3.28 -16.30 0.43
C PRO A 107 -4.73 -16.22 -0.03
N ARG A 108 -5.59 -15.58 0.76
CA ARG A 108 -6.99 -15.52 0.40
C ARG A 108 -7.64 -14.16 0.61
N CYS A 109 -8.40 -13.71 -0.39
CA CYS A 109 -9.08 -12.42 -0.34
C CYS A 109 -10.57 -12.57 -0.69
N VAL A 110 -11.43 -12.19 0.25
CA VAL A 110 -12.87 -12.27 0.04
C VAL A 110 -13.39 -10.86 -0.17
N ILE A 111 -14.00 -10.63 -1.33
CA ILE A 111 -14.52 -9.32 -1.72
C ILE A 111 -16.05 -9.23 -1.66
N GLY A 112 -16.55 -8.15 -1.05
CA GLY A 112 -17.99 -7.95 -0.95
C GLY A 112 -18.63 -7.76 -2.31
N GLU A 113 -18.06 -6.87 -3.13
CA GLU A 113 -18.60 -6.61 -4.46
C GLU A 113 -17.58 -5.96 -5.37
N ASN A 114 -17.75 -6.15 -6.68
CA ASN A 114 -16.86 -5.56 -7.67
C ASN A 114 -17.67 -4.89 -8.78
N VAL A 115 -18.87 -4.46 -8.43
CA VAL A 115 -19.76 -3.79 -9.37
C VAL A 115 -19.50 -2.28 -9.42
N ASN A 116 -19.29 -1.68 -8.26
CA ASN A 116 -19.03 -0.25 -8.16
C ASN A 116 -17.59 0.11 -8.51
N PHE A 117 -16.68 -0.83 -8.25
CA PHE A 117 -15.27 -0.62 -8.55
C PHE A 117 -14.51 -1.92 -8.66
N LYS A 118 -13.60 -1.96 -9.63
CA LYS A 118 -12.76 -3.13 -9.88
C LYS A 118 -11.50 -2.67 -10.61
N SER A 119 -10.34 -3.11 -10.13
CA SER A 119 -9.08 -2.75 -10.77
C SER A 119 -8.46 -4.03 -11.30
N LYS A 120 -7.35 -3.92 -12.01
CA LYS A 120 -6.67 -5.10 -12.56
C LYS A 120 -6.15 -5.96 -11.41
N GLY A 121 -6.21 -5.41 -10.20
CA GLY A 121 -5.73 -6.12 -9.02
C GLY A 121 -6.44 -7.43 -8.72
N GLU A 122 -7.75 -7.46 -8.87
CA GLU A 122 -8.52 -8.68 -8.59
C GLU A 122 -7.97 -9.85 -9.40
N LYS A 123 -7.76 -9.63 -10.70
CA LYS A 123 -7.21 -10.66 -11.56
C LYS A 123 -5.73 -10.91 -11.28
N TYR A 124 -4.99 -9.84 -10.97
CA TYR A 124 -3.56 -9.96 -10.69
C TYR A 124 -3.32 -10.86 -9.49
N LEU A 125 -4.17 -10.76 -8.47
CA LEU A 125 -4.05 -11.62 -7.28
C LEU A 125 -4.11 -13.09 -7.70
N GLN A 126 -5.09 -13.43 -8.53
CA GLN A 126 -5.23 -14.81 -8.99
C GLN A 126 -4.01 -15.24 -9.78
N THR A 127 -3.51 -14.34 -10.62
CA THR A 127 -2.34 -14.59 -11.43
C THR A 127 -1.10 -14.86 -10.56
N ARG A 128 -1.09 -14.24 -9.38
CA ARG A 128 0.04 -14.39 -8.46
C ARG A 128 -0.09 -15.52 -7.45
N GLY A 129 -1.00 -16.46 -7.72
CA GLY A 129 -1.19 -17.58 -6.81
C GLY A 129 -2.04 -17.32 -5.57
N HIS A 130 -2.89 -16.30 -5.63
CA HIS A 130 -3.77 -15.96 -4.51
C HIS A 130 -5.20 -16.36 -4.84
N GLU A 131 -5.96 -16.79 -3.83
CA GLU A 131 -7.35 -17.19 -4.02
C GLU A 131 -8.28 -15.99 -3.84
N VAL A 132 -9.19 -15.78 -4.79
CA VAL A 132 -10.11 -14.65 -4.73
C VAL A 132 -11.58 -15.05 -4.78
N VAL A 133 -12.38 -14.52 -3.85
CA VAL A 133 -13.80 -14.80 -3.81
C VAL A 133 -14.65 -13.52 -3.79
N VAL A 134 -15.58 -13.43 -4.73
CA VAL A 134 -16.47 -12.26 -4.82
C VAL A 134 -17.85 -12.71 -4.34
N VAL A 135 -18.31 -12.12 -3.24
CA VAL A 135 -19.60 -12.48 -2.64
C VAL A 135 -20.83 -11.79 -3.23
N ASP A 136 -20.63 -10.62 -3.84
CA ASP A 136 -21.74 -9.86 -4.42
C ASP A 136 -22.73 -9.48 -3.31
N ASP A 137 -22.19 -8.96 -2.20
CA ASP A 137 -22.98 -8.55 -1.05
C ASP A 137 -23.79 -7.29 -1.40
N GLU A 138 -25.11 -7.38 -1.35
CA GLU A 138 -25.96 -6.25 -1.69
C GLU A 138 -25.90 -5.08 -0.72
N ARG A 139 -25.63 -5.36 0.56
CA ARG A 139 -25.53 -4.30 1.56
C ARG A 139 -24.35 -3.41 1.16
N CYS A 140 -23.23 -4.05 0.87
CA CYS A 140 -22.01 -3.35 0.48
C CYS A 140 -22.22 -2.56 -0.81
N LYS A 141 -22.70 -3.26 -1.84
CA LYS A 141 -22.93 -2.64 -3.13
C LYS A 141 -23.82 -1.41 -3.01
N LYS A 142 -24.90 -1.54 -2.26
CA LYS A 142 -25.84 -0.45 -2.07
C LYS A 142 -25.22 0.73 -1.32
N LEU A 143 -24.45 0.45 -0.28
CA LEU A 143 -23.81 1.50 0.53
C LEU A 143 -22.78 2.28 -0.29
N MET A 144 -21.94 1.56 -1.01
CA MET A 144 -20.90 2.18 -1.84
C MET A 144 -21.53 2.93 -3.00
N LYS A 145 -22.62 2.37 -3.54
CA LYS A 145 -23.34 2.98 -4.66
C LYS A 145 -23.81 4.37 -4.26
N GLN A 146 -24.29 4.49 -3.02
CA GLN A 146 -24.79 5.77 -2.51
C GLN A 146 -23.68 6.80 -2.38
N PHE A 147 -22.56 6.39 -1.79
CA PHE A 147 -21.44 7.32 -1.62
C PHE A 147 -21.00 7.92 -2.95
N ILE A 148 -20.84 7.07 -3.96
CA ILE A 148 -20.40 7.52 -5.29
C ILE A 148 -21.34 8.57 -5.87
N ASP A 149 -22.64 8.31 -5.79
CA ASP A 149 -23.62 9.23 -6.33
C ASP A 149 -23.69 10.56 -5.59
N GLU A 150 -23.48 10.53 -4.28
CA GLU A 150 -23.56 11.74 -3.46
C GLU A 150 -22.26 12.54 -3.28
N ARG A 151 -21.11 11.87 -3.41
CA ARG A 151 -19.82 12.56 -3.26
C ARG A 151 -18.82 12.04 -4.28
N PRO A 152 -19.16 12.12 -5.58
CA PRO A 152 -18.31 11.66 -6.68
C PRO A 152 -16.86 12.13 -6.66
N GLN A 153 -16.63 13.41 -6.38
CA GLN A 153 -15.28 13.95 -6.35
C GLN A 153 -14.43 13.37 -5.21
N ASP A 154 -15.06 13.05 -4.08
CA ASP A 154 -14.32 12.47 -2.96
C ASP A 154 -13.91 11.04 -3.32
N TRP A 155 -14.78 10.35 -4.05
CA TRP A 155 -14.50 8.98 -4.48
C TRP A 155 -13.35 9.01 -5.48
N PHE A 156 -13.47 9.87 -6.49
CA PHE A 156 -12.42 9.99 -7.49
C PHE A 156 -11.06 10.14 -6.83
N GLU A 157 -10.98 11.03 -5.85
CA GLU A 157 -9.74 11.27 -5.14
C GLU A 157 -9.20 10.02 -4.44
N ASP A 158 -10.10 9.20 -3.91
CA ASP A 158 -9.70 7.99 -3.20
C ASP A 158 -8.97 7.02 -4.12
N ILE A 159 -9.25 7.08 -5.42
CA ILE A 159 -8.62 6.20 -6.39
C ILE A 159 -7.69 6.94 -7.34
N GLY A 160 -7.18 8.09 -6.91
CA GLY A 160 -6.27 8.88 -7.72
C GLY A 160 -6.77 9.28 -9.09
N GLU A 161 -8.05 9.62 -9.20
CA GLU A 161 -8.61 10.03 -10.47
C GLU A 161 -8.89 11.52 -10.47
N MET B 9 15.94 8.45 -21.72
CA MET B 9 15.61 9.75 -21.07
C MET B 9 16.48 9.96 -19.83
N ALA B 10 16.15 10.99 -19.06
CA ALA B 10 16.88 11.31 -17.83
C ALA B 10 16.39 12.64 -17.26
N SER B 11 15.44 12.56 -16.33
CA SER B 11 14.90 13.77 -15.71
C SER B 11 16.03 14.53 -15.05
N LYS B 12 15.93 15.86 -15.05
CA LYS B 12 16.94 16.74 -14.47
C LYS B 12 16.89 16.86 -12.95
N TRP B 13 15.87 16.32 -12.31
CA TRP B 13 15.76 16.43 -10.85
C TRP B 13 16.19 15.15 -10.14
N ASP B 14 16.68 14.18 -10.89
CA ASP B 14 17.05 12.89 -10.32
C ASP B 14 18.12 12.91 -9.22
N GLN B 15 19.10 13.80 -9.33
CA GLN B 15 20.14 13.84 -8.30
C GLN B 15 19.54 14.49 -7.06
N LYS B 16 18.66 15.44 -7.28
CA LYS B 16 18.00 16.14 -6.18
C LYS B 16 17.11 15.16 -5.42
N GLY B 17 16.26 14.44 -6.15
CA GLY B 17 15.36 13.49 -5.52
C GLY B 17 16.05 12.38 -4.76
N MET B 18 17.01 11.72 -5.42
CA MET B 18 17.72 10.62 -4.79
C MET B 18 18.49 11.09 -3.56
N ASP B 19 19.02 12.29 -3.59
CA ASP B 19 19.76 12.81 -2.45
C ASP B 19 18.82 13.00 -1.25
N ILE B 20 17.64 13.54 -1.50
CA ILE B 20 16.69 13.74 -0.41
C ILE B 20 16.25 12.37 0.14
N ALA B 21 16.01 11.43 -0.77
CA ALA B 21 15.61 10.09 -0.36
C ALA B 21 16.67 9.52 0.57
N TYR B 22 17.93 9.73 0.21
CA TYR B 22 19.05 9.24 1.02
C TYR B 22 19.09 9.92 2.38
N GLU B 23 18.83 11.22 2.39
CA GLU B 23 18.82 11.96 3.66
C GLU B 23 17.75 11.33 4.55
N GLU B 24 16.59 11.04 3.97
CA GLU B 24 15.49 10.42 4.71
C GLU B 24 15.89 9.06 5.24
N ALA B 25 16.63 8.30 4.43
CA ALA B 25 17.10 6.98 4.83
C ALA B 25 18.04 7.08 6.03
N LEU B 26 18.85 8.13 6.07
CA LEU B 26 19.78 8.33 7.18
C LEU B 26 19.01 8.70 8.45
N LEU B 27 18.09 9.65 8.30
CA LEU B 27 17.27 10.08 9.42
C LEU B 27 16.63 8.86 10.05
N GLY B 28 15.87 8.13 9.24
CA GLY B 28 15.21 6.93 9.74
C GLY B 28 16.17 5.97 10.43
N TYR B 29 17.35 5.80 9.84
CA TYR B 29 18.35 4.92 10.41
C TYR B 29 18.75 5.41 11.79
N LYS B 30 18.94 6.74 11.91
CA LYS B 30 19.33 7.35 13.19
C LYS B 30 18.23 7.21 14.24
N GLU B 31 17.00 7.01 13.78
CA GLU B 31 15.86 6.87 14.69
C GLU B 31 15.69 5.42 15.13
N GLY B 32 16.53 4.54 14.60
CA GLY B 32 16.47 3.13 14.94
C GLY B 32 15.53 2.29 14.08
N GLY B 33 15.12 2.84 12.94
CA GLY B 33 14.23 2.09 12.07
C GLY B 33 14.90 1.59 10.80
N VAL B 34 14.10 1.01 9.91
CA VAL B 34 14.59 0.50 8.63
C VAL B 34 15.03 1.71 7.77
N PRO B 35 16.31 1.73 7.36
CA PRO B 35 16.93 2.79 6.56
C PRO B 35 16.46 2.90 5.12
N ILE B 36 15.20 3.30 4.93
CA ILE B 36 14.67 3.45 3.59
C ILE B 36 13.84 4.74 3.52
N GLY B 37 14.30 5.67 2.69
CA GLY B 37 13.60 6.94 2.54
C GLY B 37 13.19 7.27 1.13
N GLY B 38 12.41 8.34 0.98
CA GLY B 38 11.96 8.75 -0.34
C GLY B 38 11.37 10.13 -0.39
N CYS B 39 10.95 10.54 -1.58
CA CYS B 39 10.32 11.84 -1.77
C CYS B 39 9.62 11.83 -3.12
N LEU B 40 8.60 12.68 -3.26
CA LEU B 40 7.86 12.78 -4.50
C LEU B 40 8.09 14.19 -5.03
N ILE B 41 8.50 14.29 -6.29
CA ILE B 41 8.79 15.58 -6.91
C ILE B 41 7.98 15.86 -8.18
N ASN B 42 7.54 17.11 -8.33
CA ASN B 42 6.78 17.53 -9.51
C ASN B 42 7.77 17.66 -10.66
N ASN B 43 7.51 16.96 -11.76
CA ASN B 43 8.41 16.98 -12.91
C ASN B 43 8.56 18.31 -13.65
N LYS B 44 7.55 19.17 -13.61
CA LYS B 44 7.65 20.44 -14.32
C LYS B 44 8.56 21.48 -13.66
N ASP B 45 8.29 21.82 -12.40
CA ASP B 45 9.08 22.81 -11.70
C ASP B 45 9.94 22.26 -10.57
N GLY B 46 10.03 20.94 -10.48
CA GLY B 46 10.84 20.31 -9.44
C GLY B 46 10.43 20.51 -8.00
N SER B 47 9.16 20.82 -7.77
CA SER B 47 8.65 21.04 -6.42
C SER B 47 8.64 19.70 -5.66
N VAL B 48 9.03 19.74 -4.39
CA VAL B 48 9.04 18.54 -3.57
C VAL B 48 7.74 18.42 -2.78
N LEU B 49 6.81 17.63 -3.31
CA LEU B 49 5.50 17.41 -2.68
C LEU B 49 5.57 16.77 -1.30
N GLY B 50 6.56 15.91 -1.09
CA GLY B 50 6.69 15.26 0.20
C GLY B 50 7.91 14.37 0.33
N ARG B 51 8.23 14.01 1.56
CA ARG B 51 9.39 13.17 1.83
C ARG B 51 9.15 12.36 3.09
N GLY B 52 9.75 11.18 3.15
CA GLY B 52 9.58 10.34 4.33
C GLY B 52 10.47 9.11 4.34
N HIS B 53 10.29 8.27 5.34
CA HIS B 53 11.04 7.03 5.48
C HIS B 53 10.21 6.00 6.22
N ASN B 54 10.69 4.77 6.23
CA ASN B 54 9.99 3.68 6.89
C ASN B 54 9.73 4.04 8.36
N MET B 55 8.51 3.80 8.83
CA MET B 55 8.14 4.11 10.21
C MET B 55 7.65 2.90 10.99
N ARG B 56 8.06 1.69 10.58
CA ARG B 56 7.65 0.46 11.25
C ARG B 56 7.99 0.47 12.73
N PHE B 57 9.25 0.77 13.04
CA PHE B 57 9.71 0.81 14.42
C PHE B 57 9.38 2.10 15.15
N GLN B 58 9.33 3.21 14.42
CA GLN B 58 9.01 4.50 15.04
C GLN B 58 7.54 4.65 15.39
N LYS B 59 6.67 3.90 14.70
CA LYS B 59 5.25 4.00 14.97
C LYS B 59 4.57 2.64 15.10
N GLY B 60 5.36 1.57 15.12
CA GLY B 60 4.79 0.25 15.20
C GLY B 60 3.82 0.09 14.05
N SER B 61 4.28 0.44 12.85
CA SER B 61 3.46 0.37 11.64
C SER B 61 3.80 -0.77 10.70
N ALA B 62 2.78 -1.47 10.23
CA ALA B 62 2.98 -2.58 9.32
C ALA B 62 2.78 -2.16 7.86
N THR B 63 2.37 -0.92 7.65
CA THR B 63 2.13 -0.47 6.28
C THR B 63 2.99 0.74 5.87
N LEU B 64 3.51 1.46 6.86
CA LEU B 64 4.31 2.65 6.57
C LEU B 64 5.73 2.40 6.09
N HIS B 65 5.85 1.84 4.89
CA HIS B 65 7.16 1.61 4.30
C HIS B 65 7.64 2.98 3.84
N GLY B 66 8.90 3.07 3.44
CA GLY B 66 9.44 4.33 2.99
C GLY B 66 8.55 5.02 1.96
N GLU B 67 8.17 4.29 0.91
CA GLU B 67 7.31 4.85 -0.14
C GLU B 67 5.91 5.21 0.34
N ILE B 68 5.32 4.36 1.17
CA ILE B 68 3.99 4.63 1.68
C ILE B 68 4.03 5.85 2.61
N SER B 69 5.07 5.92 3.43
CA SER B 69 5.24 7.05 4.35
C SER B 69 5.35 8.35 3.57
N THR B 70 6.12 8.32 2.48
CA THR B 70 6.30 9.51 1.66
C THR B 70 4.98 9.97 1.05
N LEU B 71 4.19 9.02 0.54
CA LEU B 71 2.90 9.39 -0.05
C LEU B 71 2.00 9.98 1.04
N GLU B 72 2.00 9.36 2.20
CA GLU B 72 1.19 9.83 3.32
C GLU B 72 1.59 11.26 3.68
N ASN B 73 2.88 11.54 3.70
CA ASN B 73 3.35 12.88 4.04
C ASN B 73 3.03 13.95 3.01
N CYS B 74 2.65 13.53 1.80
CA CYS B 74 2.31 14.49 0.76
C CYS B 74 0.87 14.98 0.98
N GLY B 75 0.12 14.23 1.79
CA GLY B 75 -1.26 14.60 2.09
C GLY B 75 -2.23 14.32 0.95
N ARG B 76 -3.51 14.56 1.20
CA ARG B 76 -4.54 14.34 0.20
C ARG B 76 -4.29 15.29 -0.98
N LEU B 77 -4.38 14.76 -2.19
CA LEU B 77 -4.12 15.56 -3.39
C LEU B 77 -5.03 15.14 -4.53
N GLU B 78 -5.23 16.05 -5.49
CA GLU B 78 -6.03 15.76 -6.67
C GLU B 78 -5.31 14.65 -7.41
N GLY B 79 -6.08 13.70 -7.94
CA GLY B 79 -5.49 12.60 -8.68
C GLY B 79 -4.55 13.04 -9.78
N LYS B 80 -4.88 14.13 -10.46
CA LYS B 80 -4.06 14.62 -11.55
C LYS B 80 -2.66 15.09 -11.13
N VAL B 81 -2.53 15.52 -9.88
CA VAL B 81 -1.24 15.98 -9.37
C VAL B 81 -0.16 14.91 -9.46
N TYR B 82 -0.53 13.66 -9.18
CA TYR B 82 0.41 12.54 -9.22
C TYR B 82 0.86 12.20 -10.64
N LYS B 83 0.00 12.50 -11.60
CA LYS B 83 0.25 12.17 -13.01
C LYS B 83 1.50 12.73 -13.66
N ASP B 84 2.12 13.73 -13.05
CA ASP B 84 3.33 14.30 -13.63
C ASP B 84 4.39 14.47 -12.54
N THR B 85 4.69 13.39 -11.84
CA THR B 85 5.67 13.41 -10.78
C THR B 85 6.65 12.25 -10.90
N THR B 86 7.65 12.23 -10.02
CA THR B 86 8.61 11.13 -9.99
C THR B 86 8.74 10.72 -8.53
N LEU B 87 8.62 9.42 -8.27
CA LEU B 87 8.75 8.92 -6.91
C LEU B 87 10.18 8.41 -6.78
N TYR B 88 10.88 8.90 -5.77
CA TYR B 88 12.26 8.48 -5.52
C TYR B 88 12.33 7.56 -4.30
N THR B 89 12.91 6.38 -4.46
CA THR B 89 13.05 5.46 -3.34
C THR B 89 14.43 4.84 -3.33
N THR B 90 15.06 4.83 -2.15
CA THR B 90 16.41 4.29 -1.98
C THR B 90 16.51 2.79 -2.20
N LEU B 91 15.37 2.10 -2.20
CA LEU B 91 15.36 0.66 -2.40
C LEU B 91 14.22 0.25 -3.34
N SER B 92 14.50 -0.70 -4.24
CA SER B 92 13.50 -1.17 -5.20
C SER B 92 12.20 -1.46 -4.43
N PRO B 93 11.06 -0.97 -4.94
CA PRO B 93 9.75 -1.15 -4.31
C PRO B 93 9.23 -2.57 -4.16
N CYS B 94 8.59 -2.85 -3.02
CA CYS B 94 7.99 -4.16 -2.79
C CYS B 94 6.67 -4.12 -3.53
N GLU B 95 5.98 -5.26 -3.63
CA GLU B 95 4.71 -5.30 -4.32
C GLU B 95 3.69 -4.29 -3.81
N MET B 96 3.72 -4.00 -2.52
CA MET B 96 2.76 -3.05 -1.96
C MET B 96 3.05 -1.63 -2.44
N CYS B 97 4.30 -1.20 -2.33
CA CYS B 97 4.68 0.14 -2.77
C CYS B 97 4.56 0.26 -4.28
N THR B 98 4.82 -0.84 -4.98
CA THR B 98 4.67 -0.88 -6.43
C THR B 98 3.21 -0.58 -6.73
N GLY B 99 2.32 -1.23 -5.99
CA GLY B 99 0.89 -1.04 -6.19
C GLY B 99 0.42 0.38 -5.96
N ALA B 100 1.09 1.09 -5.06
CA ALA B 100 0.74 2.48 -4.77
C ALA B 100 1.16 3.39 -5.92
N ILE B 101 2.33 3.10 -6.50
CA ILE B 101 2.82 3.89 -7.63
C ILE B 101 1.80 3.77 -8.78
N ILE B 102 1.39 2.53 -9.06
CA ILE B 102 0.45 2.25 -10.13
C ILE B 102 -0.94 2.85 -9.89
N MET B 103 -1.48 2.67 -8.70
CA MET B 103 -2.81 3.19 -8.37
C MET B 103 -2.93 4.70 -8.60
N TYR B 104 -1.97 5.47 -8.10
CA TYR B 104 -2.00 6.91 -8.27
C TYR B 104 -1.50 7.39 -9.63
N GLY B 105 -1.04 6.45 -10.46
CA GLY B 105 -0.57 6.83 -11.78
C GLY B 105 0.70 7.66 -11.81
N ILE B 106 1.58 7.44 -10.83
CA ILE B 106 2.85 8.16 -10.79
C ILE B 106 3.63 7.57 -11.97
N PRO B 107 4.00 8.41 -12.95
CA PRO B 107 4.73 8.01 -14.15
C PRO B 107 6.15 7.46 -14.03
N ARG B 108 6.96 8.01 -13.14
CA ARG B 108 8.33 7.55 -12.99
C ARG B 108 8.70 7.11 -11.58
N CYS B 109 9.61 6.15 -11.52
CA CYS B 109 10.10 5.65 -10.24
C CYS B 109 11.60 5.44 -10.36
N VAL B 110 12.35 6.33 -9.69
CA VAL B 110 13.81 6.28 -9.70
C VAL B 110 14.20 5.56 -8.43
N ILE B 111 15.03 4.52 -8.60
CA ILE B 111 15.46 3.65 -7.53
C ILE B 111 16.96 3.73 -7.18
N GLY B 112 17.25 3.84 -5.89
CA GLY B 112 18.64 3.90 -5.44
C GLY B 112 19.40 2.64 -5.79
N GLU B 113 18.90 1.49 -5.35
CA GLU B 113 19.54 0.21 -5.63
C GLU B 113 18.57 -0.95 -5.46
N ASN B 114 18.84 -2.04 -6.17
CA ASN B 114 17.99 -3.22 -6.10
C ASN B 114 18.86 -4.45 -5.85
N VAL B 115 19.99 -4.23 -5.20
CA VAL B 115 20.93 -5.31 -4.88
C VAL B 115 20.54 -5.99 -3.58
N ASN B 116 20.22 -5.21 -2.55
CA ASN B 116 19.81 -5.80 -1.28
C ASN B 116 18.39 -6.36 -1.36
N PHE B 117 17.59 -5.80 -2.26
CA PHE B 117 16.21 -6.25 -2.42
C PHE B 117 15.58 -5.88 -3.76
N LYS B 118 14.77 -6.80 -4.28
CA LYS B 118 14.08 -6.58 -5.55
C LYS B 118 12.88 -7.52 -5.61
N SER B 119 11.70 -6.98 -5.87
CA SER B 119 10.49 -7.79 -5.96
C SER B 119 10.06 -7.81 -7.42
N LYS B 120 8.98 -8.53 -7.72
CA LYS B 120 8.49 -8.60 -9.08
C LYS B 120 7.87 -7.24 -9.45
N GLY B 121 7.69 -6.38 -8.45
CA GLY B 121 7.12 -5.08 -8.69
C GLY B 121 7.90 -4.23 -9.67
N GLU B 122 9.22 -4.42 -9.73
CA GLU B 122 10.03 -3.63 -10.65
C GLU B 122 9.61 -3.85 -12.10
N LYS B 123 9.54 -5.12 -12.52
CA LYS B 123 9.15 -5.44 -13.89
C LYS B 123 7.68 -5.14 -14.13
N TYR B 124 6.86 -5.34 -13.09
CA TYR B 124 5.45 -5.08 -13.22
C TYR B 124 5.22 -3.59 -13.53
N LEU B 125 5.96 -2.71 -12.87
CA LEU B 125 5.85 -1.28 -13.13
C LEU B 125 6.06 -1.02 -14.63
N GLN B 126 7.06 -1.68 -15.21
CA GLN B 126 7.34 -1.52 -16.63
C GLN B 126 6.20 -2.09 -17.46
N THR B 127 5.69 -3.25 -17.05
CA THR B 127 4.59 -3.88 -17.75
C THR B 127 3.38 -2.94 -17.78
N ARG B 128 3.23 -2.13 -16.73
CA ARG B 128 2.10 -1.21 -16.64
C ARG B 128 2.38 0.15 -17.29
N GLY B 129 3.47 0.25 -18.04
CA GLY B 129 3.79 1.49 -18.72
C GLY B 129 4.46 2.59 -17.91
N HIS B 130 5.15 2.22 -16.83
CA HIS B 130 5.83 3.19 -15.99
C HIS B 130 7.32 3.20 -16.34
N GLU B 131 8.01 4.30 -16.05
CA GLU B 131 9.44 4.36 -16.32
C GLU B 131 10.18 4.00 -15.04
N VAL B 132 11.14 3.10 -15.14
CA VAL B 132 11.93 2.64 -14.00
C VAL B 132 13.42 2.92 -14.21
N VAL B 133 14.03 3.61 -13.26
CA VAL B 133 15.45 3.94 -13.34
C VAL B 133 16.19 3.50 -12.09
N VAL B 134 17.12 2.57 -12.25
CA VAL B 134 17.91 2.10 -11.12
C VAL B 134 19.27 2.78 -11.22
N VAL B 135 19.54 3.71 -10.30
CA VAL B 135 20.79 4.45 -10.30
C VAL B 135 21.99 3.68 -9.73
N ASP B 136 21.72 2.69 -8.90
CA ASP B 136 22.78 1.89 -8.28
C ASP B 136 23.68 2.82 -7.46
N ASP B 137 23.04 3.49 -6.49
CA ASP B 137 23.69 4.43 -5.57
C ASP B 137 24.36 3.64 -4.44
N GLU B 138 25.68 3.64 -4.40
CA GLU B 138 26.42 2.89 -3.37
C GLU B 138 26.17 3.34 -1.94
N ARG B 139 25.84 4.61 -1.74
CA ARG B 139 25.59 5.10 -0.39
C ARG B 139 24.34 4.44 0.15
N CYS B 140 23.33 4.28 -0.70
CA CYS B 140 22.10 3.65 -0.28
C CYS B 140 22.38 2.16 -0.05
N LYS B 141 23.13 1.56 -0.95
CA LYS B 141 23.46 0.14 -0.87
C LYS B 141 24.17 -0.24 0.42
N LYS B 142 25.20 0.54 0.78
CA LYS B 142 25.97 0.30 1.99
C LYS B 142 25.10 0.41 3.24
N LEU B 143 24.33 1.49 3.30
CA LEU B 143 23.46 1.73 4.45
C LEU B 143 22.44 0.60 4.66
N MET B 144 21.77 0.21 3.58
CA MET B 144 20.77 -0.85 3.65
C MET B 144 21.42 -2.19 4.02
N LYS B 145 22.59 -2.48 3.44
CA LYS B 145 23.29 -3.72 3.72
C LYS B 145 23.74 -3.79 5.17
N GLN B 146 24.10 -2.64 5.73
CA GLN B 146 24.55 -2.59 7.11
C GLN B 146 23.39 -2.99 8.03
N PHE B 147 22.20 -2.46 7.76
CA PHE B 147 21.02 -2.77 8.55
C PHE B 147 20.71 -4.26 8.49
N ILE B 148 20.72 -4.81 7.27
CA ILE B 148 20.42 -6.22 7.08
C ILE B 148 21.40 -7.11 7.83
N ASP B 149 22.67 -6.70 7.87
CA ASP B 149 23.69 -7.48 8.57
C ASP B 149 23.53 -7.43 10.09
N GLU B 150 23.10 -6.28 10.61
CA GLU B 150 22.91 -6.10 12.05
C GLU B 150 21.56 -6.56 12.62
N ARG B 151 20.50 -6.45 11.82
CA ARG B 151 19.17 -6.83 12.29
C ARG B 151 18.38 -7.57 11.21
N PRO B 152 18.83 -8.78 10.85
CA PRO B 152 18.16 -9.60 9.84
C PRO B 152 16.67 -9.88 10.10
N GLN B 153 16.36 -10.23 11.34
CA GLN B 153 14.97 -10.54 11.71
C GLN B 153 14.07 -9.33 11.46
N ASP B 154 14.54 -8.15 11.84
CA ASP B 154 13.78 -6.92 11.65
C ASP B 154 13.52 -6.66 10.16
N TRP B 155 14.51 -7.02 9.33
CA TRP B 155 14.39 -6.83 7.89
C TRP B 155 13.33 -7.77 7.31
N PHE B 156 13.41 -9.05 7.65
CA PHE B 156 12.44 -10.01 7.14
C PHE B 156 11.02 -9.60 7.52
N GLU B 157 10.86 -9.02 8.71
CA GLU B 157 9.54 -8.61 9.17
C GLU B 157 8.96 -7.54 8.24
N ASP B 158 9.80 -6.60 7.86
CA ASP B 158 9.40 -5.50 7.00
C ASP B 158 8.92 -5.99 5.62
N ILE B 159 9.47 -7.11 5.16
CA ILE B 159 9.05 -7.65 3.86
C ILE B 159 8.19 -8.89 4.00
N GLY B 160 7.60 -9.07 5.19
CA GLY B 160 6.72 -10.20 5.45
C GLY B 160 7.31 -11.60 5.37
N GLU B 161 8.59 -11.74 5.70
CA GLU B 161 9.23 -13.04 5.64
C GLU B 161 9.37 -13.68 7.03
#